data_7ZL9
#
_entry.id   7ZL9
#
_cell.length_a   80.880
_cell.length_b   81.990
_cell.length_c   85.780
_cell.angle_alpha   90.000
_cell.angle_beta   90.000
_cell.angle_gamma   90.000
#
_symmetry.space_group_name_H-M   'P 21 2 21'
#
loop_
_entity.id
_entity.type
_entity.pdbx_description
1 polymer 'Hydroxycarboxylic acid receptor 2,Soluble cytochrome b562'
2 non-polymer 'OLEIC ACID'
3 non-polymer '(2R)-2,3-dihydroxypropyl (9Z)-octadec-9-enoate'
4 non-polymer DI(HYDROXYETHYL)ETHER
5 non-polymer 'UNKNOWN ATOM OR ION'
6 water water
#
_entity_poly.entity_id   1
_entity_poly.type   'polypeptide(L)'
_entity_poly.pdbx_seq_one_letter_code
;MNRHHLQDHFLEIDKKNCCVFRDDFIVKVLPPVLGLEFIFGLLGNGLALWIFCFHLKSWKSSRIFLFNLVVADFLLIICL
PFLMDNYVRRWDWKFGDIPCRLMLFMLAMNRQGSIIFLTVVAVDRYFRVVHPHHALNKISNRTAAIISCLLWGITIGLTV
HLLKKKMPIQNGGANLCSSFSICHTFQWHEAMFLLEFFLPLGIILFCSARIIWSLRQRQMDRHAKIKRAITFIMVVAIVF
VICFLPSVVVRIRIFWLLHTSGTQNCEVYRSVDLAFFITLSFTYMNVMLDPVVYYFSSPSFPNFFSTLINRCLQRKMTGE
PDNNRADLEDNWETLNDNLKVIEKADNAAQVKDALTKMRAAALDAQKATPPKLEDKSPDSPEMKDFRHGFDILVGQIDDA
LKLANEGKVKEAQAAAEQLKTTRNAYIQKYL
;
_entity_poly.pdbx_strand_id   A
#
loop_
_chem_comp.id
_chem_comp.type
_chem_comp.name
_chem_comp.formula
OLA non-polymer 'OLEIC ACID' 'C18 H34 O2'
OLC non-polymer '(2R)-2,3-dihydroxypropyl (9Z)-octadec-9-enoate' 'C21 H40 O4'
PEG non-polymer DI(HYDROXYETHYL)ETHER 'C4 H10 O3'
UNX non-polymer 'UNKNOWN ATOM OR ION' ?
#
# COMPACT_ATOMS: atom_id res chain seq x y z
N LEU A 11 -7.40 -13.46 34.78
CA LEU A 11 -6.34 -13.97 35.67
C LEU A 11 -6.49 -15.47 35.93
N GLU A 12 -7.73 -15.93 36.17
CA GLU A 12 -8.07 -17.32 36.51
C GLU A 12 -8.06 -18.30 35.32
N ILE A 13 -7.97 -19.60 35.65
CA ILE A 13 -8.02 -20.75 34.73
C ILE A 13 -9.47 -21.30 34.83
N ASP A 14 -10.41 -20.58 34.17
CA ASP A 14 -11.84 -20.87 34.18
C ASP A 14 -12.23 -21.89 33.11
N LYS A 15 -11.76 -21.71 31.86
CA LYS A 15 -12.05 -22.62 30.75
C LYS A 15 -11.21 -23.89 30.85
N LYS A 16 -11.52 -24.90 30.00
CA LYS A 16 -10.80 -26.18 29.98
C LYS A 16 -9.40 -25.98 29.38
N ASN A 17 -8.37 -25.93 30.26
CA ASN A 17 -6.95 -25.73 29.95
C ASN A 17 -6.73 -24.40 29.20
N CYS A 18 -6.91 -23.27 29.92
CA CYS A 18 -6.77 -21.91 29.36
C CYS A 18 -6.34 -20.91 30.44
N CYS A 19 -5.25 -20.17 30.18
CA CYS A 19 -4.69 -19.16 31.08
C CYS A 19 -4.78 -17.77 30.45
N VAL A 20 -5.74 -16.95 30.89
CA VAL A 20 -5.97 -15.59 30.38
C VAL A 20 -5.63 -14.58 31.50
N PHE A 21 -4.97 -13.47 31.14
CA PHE A 21 -4.60 -12.41 32.08
C PHE A 21 -5.01 -11.03 31.57
N ARG A 22 -5.72 -10.27 32.42
CA ARG A 22 -6.18 -8.91 32.15
C ARG A 22 -5.37 -7.92 32.97
N ASP A 23 -4.22 -7.49 32.42
CA ASP A 23 -3.31 -6.56 33.06
C ASP A 23 -3.97 -5.19 33.27
N ASP A 24 -3.58 -4.47 34.34
CA ASP A 24 -4.09 -3.14 34.67
C ASP A 24 -3.73 -2.11 33.58
N PHE A 25 -2.79 -2.47 32.68
CA PHE A 25 -2.33 -1.65 31.57
C PHE A 25 -3.29 -1.70 30.38
N ILE A 26 -3.88 -2.89 30.10
CA ILE A 26 -4.83 -3.11 29.00
C ILE A 26 -6.12 -2.31 29.25
N VAL A 27 -6.64 -2.34 30.49
CA VAL A 27 -7.86 -1.60 30.88
C VAL A 27 -7.58 -0.08 30.94
N LYS A 28 -6.29 0.32 31.07
CA LYS A 28 -5.85 1.70 31.21
C LYS A 28 -5.49 2.40 29.89
N VAL A 29 -4.65 1.78 29.03
CA VAL A 29 -4.16 2.45 27.81
C VAL A 29 -4.84 1.98 26.51
N LEU A 30 -5.42 0.77 26.47
CA LEU A 30 -6.08 0.28 25.24
C LEU A 30 -7.36 1.09 24.91
N PRO A 31 -8.28 1.42 25.86
CA PRO A 31 -9.48 2.20 25.47
C PRO A 31 -9.16 3.54 24.75
N PRO A 32 -8.25 4.47 25.19
CA PRO A 32 -8.01 5.68 24.39
C PRO A 32 -7.39 5.39 23.02
N VAL A 33 -6.57 4.32 22.92
CA VAL A 33 -5.92 3.88 21.68
C VAL A 33 -7.02 3.43 20.69
N LEU A 34 -8.03 2.68 21.18
CA LEU A 34 -9.17 2.21 20.37
C LEU A 34 -10.05 3.39 19.95
N GLY A 35 -10.19 4.37 20.85
CA GLY A 35 -10.94 5.59 20.61
C GLY A 35 -10.31 6.43 19.53
N LEU A 36 -8.97 6.59 19.60
CA LEU A 36 -8.15 7.32 18.62
C LEU A 36 -8.26 6.65 17.26
N GLU A 37 -8.23 5.29 17.23
CA GLU A 37 -8.36 4.48 16.02
C GLU A 37 -9.75 4.63 15.40
N PHE A 38 -10.77 4.88 16.24
CA PHE A 38 -12.15 5.07 15.81
C PHE A 38 -12.33 6.47 15.20
N ILE A 39 -11.78 7.52 15.87
CA ILE A 39 -11.89 8.92 15.44
C ILE A 39 -11.18 9.08 14.07
N PHE A 40 -9.89 8.69 13.96
CA PHE A 40 -9.12 8.81 12.72
C PHE A 40 -9.56 7.75 11.69
N GLY A 41 -10.15 6.65 12.15
CA GLY A 41 -10.65 5.57 11.30
C GLY A 41 -11.89 5.97 10.54
N LEU A 42 -12.86 6.59 11.25
CA LEU A 42 -14.12 7.08 10.69
C LEU A 42 -13.88 8.31 9.82
N LEU A 43 -12.93 9.17 10.22
CA LEU A 43 -12.57 10.41 9.51
C LEU A 43 -11.94 10.10 8.14
N GLY A 44 -10.94 9.23 8.13
CA GLY A 44 -10.22 8.82 6.92
C GLY A 44 -11.04 7.99 5.95
N ASN A 45 -11.79 7.00 6.47
CA ASN A 45 -12.62 6.13 5.66
C ASN A 45 -13.90 6.85 5.21
N GLY A 46 -14.34 7.84 6.00
CA GLY A 46 -15.48 8.67 5.67
C GLY A 46 -15.13 9.60 4.52
N LEU A 47 -13.87 10.13 4.54
CA LEU A 47 -13.33 10.98 3.47
C LEU A 47 -13.11 10.15 2.21
N ALA A 48 -12.58 8.91 2.38
CA ALA A 48 -12.35 7.96 1.29
C ALA A 48 -13.66 7.62 0.59
N LEU A 49 -14.74 7.35 1.39
CA LEU A 49 -16.08 7.05 0.91
C LEU A 49 -16.64 8.23 0.10
N TRP A 50 -16.39 9.47 0.55
CA TRP A 50 -16.83 10.68 -0.12
C TRP A 50 -16.09 10.88 -1.45
N ILE A 51 -14.75 10.72 -1.44
CA ILE A 51 -13.90 10.92 -2.62
C ILE A 51 -14.20 9.82 -3.66
N PHE A 52 -14.25 8.53 -3.25
CA PHE A 52 -14.51 7.42 -4.15
C PHE A 52 -15.93 7.42 -4.76
N CYS A 53 -16.99 7.48 -3.91
CA CYS A 53 -18.38 7.37 -4.36
C CYS A 53 -18.98 8.68 -4.92
N PHE A 54 -18.69 9.85 -4.32
CA PHE A 54 -19.35 11.09 -4.75
C PHE A 54 -18.45 12.08 -5.49
N HIS A 55 -17.18 12.29 -5.06
CA HIS A 55 -16.29 13.24 -5.73
C HIS A 55 -15.83 12.71 -7.10
N LEU A 56 -15.23 11.51 -7.14
CA LEU A 56 -14.74 10.90 -8.38
C LEU A 56 -15.89 10.23 -9.15
N LYS A 57 -16.04 10.63 -10.42
CA LYS A 57 -17.09 10.13 -11.32
C LYS A 57 -16.66 8.84 -12.02
N SER A 58 -15.36 8.71 -12.33
CA SER A 58 -14.81 7.55 -13.02
C SER A 58 -14.35 6.47 -12.03
N TRP A 59 -14.89 5.24 -12.18
CA TRP A 59 -14.54 4.06 -11.37
C TRP A 59 -13.63 3.15 -12.18
N LYS A 60 -12.40 2.92 -11.70
CA LYS A 60 -11.44 2.04 -12.35
C LYS A 60 -11.33 0.72 -11.56
N SER A 61 -10.75 -0.34 -12.20
CA SER A 61 -10.58 -1.67 -11.60
C SER A 61 -9.80 -1.61 -10.29
N SER A 62 -8.70 -0.83 -10.28
CA SER A 62 -7.83 -0.62 -9.11
C SER A 62 -8.61 0.04 -7.96
N ARG A 63 -9.50 1.00 -8.28
CA ARG A 63 -10.34 1.71 -7.30
C ARG A 63 -11.40 0.78 -6.68
N ILE A 64 -11.97 -0.15 -7.48
CA ILE A 64 -12.99 -1.11 -7.03
C ILE A 64 -12.35 -2.05 -5.98
N PHE A 65 -11.12 -2.57 -6.26
CA PHE A 65 -10.37 -3.44 -5.36
C PHE A 65 -9.98 -2.70 -4.08
N LEU A 66 -9.60 -1.42 -4.23
CA LEU A 66 -9.17 -0.56 -3.13
C LEU A 66 -10.36 -0.14 -2.23
N PHE A 67 -11.57 0.03 -2.82
CA PHE A 67 -12.78 0.42 -2.09
C PHE A 67 -13.22 -0.67 -1.10
N ASN A 68 -12.91 -1.96 -1.38
CA ASN A 68 -13.25 -3.07 -0.50
C ASN A 68 -12.63 -2.89 0.88
N LEU A 69 -11.46 -2.22 0.95
CA LEU A 69 -10.76 -1.89 2.20
C LEU A 69 -11.58 -0.89 3.02
N VAL A 70 -12.34 0.02 2.37
CA VAL A 70 -13.22 0.99 3.06
C VAL A 70 -14.38 0.22 3.70
N VAL A 71 -14.98 -0.74 2.95
CA VAL A 71 -16.07 -1.61 3.40
C VAL A 71 -15.57 -2.46 4.58
N ALA A 72 -14.37 -3.07 4.43
CA ALA A 72 -13.71 -3.88 5.47
C ALA A 72 -13.44 -3.06 6.74
N ASP A 73 -13.01 -1.79 6.57
CA ASP A 73 -12.72 -0.87 7.65
C ASP A 73 -13.95 -0.43 8.42
N PHE A 74 -15.08 -0.21 7.74
CA PHE A 74 -16.33 0.21 8.39
C PHE A 74 -16.88 -0.90 9.29
N LEU A 75 -16.59 -2.18 8.97
CA LEU A 75 -16.99 -3.33 9.80
C LEU A 75 -16.39 -3.18 11.20
N LEU A 76 -15.11 -2.76 11.29
CA LEU A 76 -14.38 -2.53 12.53
C LEU A 76 -14.81 -1.21 13.19
N ILE A 77 -15.06 -0.14 12.39
CA ILE A 77 -15.49 1.18 12.86
C ILE A 77 -16.79 1.05 13.68
N ILE A 78 -17.75 0.24 13.19
CA ILE A 78 -19.03 -0.04 13.87
C ILE A 78 -18.78 -0.76 15.21
N CYS A 79 -17.81 -1.70 15.25
CA CYS A 79 -17.45 -2.51 16.41
C CYS A 79 -16.68 -1.75 17.49
N LEU A 80 -15.73 -0.86 17.09
CA LEU A 80 -14.82 -0.11 17.96
C LEU A 80 -15.51 0.52 19.20
N PRO A 81 -16.67 1.24 19.14
CA PRO A 81 -17.27 1.76 20.38
C PRO A 81 -17.71 0.66 21.35
N PHE A 82 -18.24 -0.48 20.83
CA PHE A 82 -18.66 -1.63 21.64
C PHE A 82 -17.46 -2.28 22.31
N LEU A 83 -16.34 -2.38 21.55
CA LEU A 83 -15.07 -2.94 21.97
C LEU A 83 -14.42 -2.07 23.04
N MET A 84 -14.40 -0.73 22.84
CA MET A 84 -13.86 0.27 23.76
C MET A 84 -14.56 0.16 25.13
N ASP A 85 -15.89 -0.09 25.10
CA ASP A 85 -16.73 -0.27 26.28
C ASP A 85 -16.40 -1.59 26.99
N ASN A 86 -16.02 -2.63 26.23
CA ASN A 86 -15.67 -3.93 26.81
C ASN A 86 -14.36 -3.84 27.60
N TYR A 87 -13.38 -3.07 27.08
CA TYR A 87 -12.09 -2.90 27.74
C TYR A 87 -12.16 -1.97 28.97
N VAL A 88 -13.14 -1.04 29.05
CA VAL A 88 -13.25 -0.17 30.24
C VAL A 88 -13.96 -0.93 31.38
N ARG A 89 -14.83 -1.89 31.02
CA ARG A 89 -15.61 -2.71 31.96
C ARG A 89 -14.89 -4.03 32.33
N ARG A 90 -13.55 -4.08 32.15
CA ARG A 90 -12.66 -5.23 32.44
C ARG A 90 -13.19 -6.53 31.79
N TRP A 91 -13.48 -6.45 30.47
CA TRP A 91 -13.99 -7.51 29.58
C TRP A 91 -15.39 -8.03 29.97
N ASP A 92 -16.18 -7.23 30.72
CA ASP A 92 -17.55 -7.63 31.06
C ASP A 92 -18.48 -7.19 29.92
N TRP A 93 -18.87 -8.17 29.09
CA TRP A 93 -19.76 -7.96 27.95
C TRP A 93 -21.20 -7.89 28.43
N LYS A 94 -21.85 -6.72 28.24
CA LYS A 94 -23.22 -6.50 28.67
C LYS A 94 -24.13 -6.15 27.47
N PHE A 95 -23.89 -6.80 26.31
CA PHE A 95 -24.68 -6.57 25.10
C PHE A 95 -25.51 -7.79 24.65
N GLY A 96 -25.13 -9.00 25.07
CA GLY A 96 -25.88 -10.21 24.74
C GLY A 96 -25.19 -11.23 23.87
N ASP A 97 -25.94 -12.28 23.47
CA ASP A 97 -25.51 -13.42 22.65
C ASP A 97 -25.23 -13.05 21.19
N ILE A 98 -26.26 -12.64 20.43
CA ILE A 98 -26.17 -12.34 19.01
C ILE A 98 -25.30 -11.07 18.72
N PRO A 99 -25.20 -9.99 19.55
CA PRO A 99 -24.30 -8.87 19.19
C PRO A 99 -22.82 -9.21 19.39
N CYS A 100 -22.51 -10.21 20.24
CA CYS A 100 -21.14 -10.66 20.50
C CYS A 100 -20.66 -11.48 19.32
N ARG A 101 -21.55 -12.38 18.83
CA ARG A 101 -21.30 -13.26 17.68
C ARG A 101 -21.06 -12.43 16.42
N LEU A 102 -21.88 -11.36 16.23
CA LEU A 102 -21.80 -10.45 15.09
C LEU A 102 -20.52 -9.63 15.14
N MET A 103 -20.11 -9.13 16.34
CA MET A 103 -18.90 -8.32 16.52
C MET A 103 -17.64 -9.13 16.19
N LEU A 104 -17.45 -10.30 16.85
CA LEU A 104 -16.30 -11.18 16.65
C LEU A 104 -16.13 -11.56 15.17
N PHE A 105 -17.24 -11.80 14.47
CA PHE A 105 -17.28 -12.12 13.04
C PHE A 105 -16.79 -10.91 12.23
N MET A 106 -17.34 -9.71 12.53
CA MET A 106 -17.02 -8.44 11.88
C MET A 106 -15.56 -7.99 12.11
N LEU A 107 -14.98 -8.30 13.31
CA LEU A 107 -13.58 -7.99 13.64
C LEU A 107 -12.65 -8.84 12.78
N ALA A 108 -13.01 -10.13 12.62
CA ALA A 108 -12.28 -11.11 11.82
C ALA A 108 -12.42 -10.83 10.33
N MET A 109 -13.64 -10.42 9.89
CA MET A 109 -13.95 -10.04 8.51
C MET A 109 -13.06 -8.87 8.08
N ASN A 110 -12.86 -7.88 8.98
CA ASN A 110 -12.01 -6.72 8.77
C ASN A 110 -10.54 -7.14 8.63
N ARG A 111 -10.05 -8.00 9.55
CA ARG A 111 -8.66 -8.49 9.55
C ARG A 111 -8.36 -9.30 8.29
N GLN A 112 -9.12 -10.39 8.05
CA GLN A 112 -8.95 -11.25 6.86
C GLN A 112 -9.19 -10.45 5.57
N GLY A 113 -10.23 -9.61 5.56
CA GLY A 113 -10.60 -8.75 4.45
C GLY A 113 -9.49 -7.79 4.09
N SER A 114 -8.91 -7.10 5.09
CA SER A 114 -7.78 -6.18 4.88
C SER A 114 -6.56 -6.94 4.36
N ILE A 115 -6.28 -8.14 4.93
CA ILE A 115 -5.14 -8.97 4.51
C ILE A 115 -5.29 -9.34 3.02
N ILE A 116 -6.46 -9.87 2.62
CA ILE A 116 -6.77 -10.31 1.27
C ILE A 116 -6.77 -9.12 0.29
N PHE A 117 -7.48 -8.03 0.61
CA PHE A 117 -7.59 -6.90 -0.31
C PHE A 117 -6.32 -6.04 -0.37
N LEU A 118 -5.43 -6.10 0.65
CA LEU A 118 -4.15 -5.39 0.55
C LEU A 118 -3.26 -6.13 -0.45
N THR A 119 -3.39 -7.49 -0.49
CA THR A 119 -2.67 -8.39 -1.40
C THR A 119 -3.16 -8.14 -2.83
N VAL A 120 -4.50 -8.08 -3.03
CA VAL A 120 -5.14 -7.85 -4.33
C VAL A 120 -4.67 -6.52 -4.92
N VAL A 121 -4.51 -5.49 -4.05
CA VAL A 121 -4.02 -4.16 -4.42
C VAL A 121 -2.55 -4.27 -4.90
N ALA A 122 -1.71 -5.02 -4.16
CA ALA A 122 -0.30 -5.25 -4.48
C ALA A 122 -0.12 -6.07 -5.78
N VAL A 123 -0.99 -7.08 -6.01
CA VAL A 123 -0.95 -7.92 -7.23
C VAL A 123 -1.40 -7.06 -8.43
N ASP A 124 -2.41 -6.20 -8.22
CA ASP A 124 -2.91 -5.27 -9.24
C ASP A 124 -1.79 -4.34 -9.70
N ARG A 125 -1.04 -3.73 -8.75
CA ARG A 125 0.05 -2.83 -9.11
C ARG A 125 1.26 -3.60 -9.66
N TYR A 126 1.45 -4.88 -9.24
CA TYR A 126 2.52 -5.75 -9.74
C TYR A 126 2.34 -5.99 -11.23
N PHE A 127 1.10 -6.27 -11.65
CA PHE A 127 0.80 -6.49 -13.06
C PHE A 127 0.79 -5.18 -13.85
N ARG A 128 0.54 -4.02 -13.19
CA ARG A 128 0.56 -2.74 -13.90
C ARG A 128 1.99 -2.29 -14.20
N VAL A 129 2.93 -2.56 -13.27
CA VAL A 129 4.34 -2.17 -13.38
C VAL A 129 5.18 -3.25 -14.13
N VAL A 130 5.19 -4.49 -13.63
CA VAL A 130 6.02 -5.57 -14.20
C VAL A 130 5.48 -6.08 -15.55
N HIS A 131 4.15 -6.32 -15.68
CA HIS A 131 3.58 -6.81 -16.95
C HIS A 131 2.51 -5.84 -17.51
N PRO A 132 2.89 -4.63 -18.01
CA PRO A 132 1.85 -3.66 -18.48
C PRO A 132 0.98 -4.11 -19.66
N HIS A 133 1.42 -5.10 -20.45
CA HIS A 133 0.66 -5.57 -21.62
C HIS A 133 -0.12 -6.88 -21.34
N HIS A 134 -0.25 -7.27 -20.05
CA HIS A 134 -0.97 -8.49 -19.64
C HIS A 134 -2.49 -8.26 -19.63
N ALA A 135 -3.27 -9.35 -19.76
CA ALA A 135 -4.74 -9.38 -19.82
C ALA A 135 -5.41 -8.89 -18.52
N LEU A 136 -4.76 -9.10 -17.36
CA LEU A 136 -5.30 -8.70 -16.05
C LEU A 136 -5.35 -7.17 -15.86
N ASN A 137 -4.64 -6.42 -16.73
CA ASN A 137 -4.61 -4.95 -16.70
C ASN A 137 -5.86 -4.37 -17.34
N LYS A 138 -6.33 -4.99 -18.44
CA LYS A 138 -7.52 -4.56 -19.17
C LYS A 138 -8.80 -5.20 -18.57
N ILE A 139 -8.82 -5.38 -17.23
CA ILE A 139 -9.94 -5.95 -16.49
C ILE A 139 -11.07 -4.88 -16.42
N SER A 140 -12.30 -5.31 -16.74
CA SER A 140 -13.50 -4.47 -16.73
C SER A 140 -13.95 -4.17 -15.31
N ASN A 141 -14.84 -3.15 -15.16
CA ASN A 141 -15.41 -2.75 -13.87
C ASN A 141 -16.29 -3.87 -13.30
N ARG A 142 -17.00 -4.60 -14.19
CA ARG A 142 -17.86 -5.73 -13.84
C ARG A 142 -16.99 -6.91 -13.35
N THR A 143 -15.87 -7.18 -14.08
CA THR A 143 -14.91 -8.25 -13.78
C THR A 143 -14.26 -8.01 -12.40
N ALA A 144 -13.77 -6.78 -12.13
CA ALA A 144 -13.14 -6.40 -10.86
C ALA A 144 -14.13 -6.53 -9.68
N ALA A 145 -15.42 -6.21 -9.92
CA ALA A 145 -16.49 -6.34 -8.92
C ALA A 145 -16.79 -7.81 -8.64
N ILE A 146 -16.78 -8.66 -9.71
CA ILE A 146 -17.00 -10.11 -9.64
C ILE A 146 -15.87 -10.74 -8.81
N ILE A 147 -14.61 -10.33 -9.06
CA ILE A 147 -13.42 -10.79 -8.33
C ILE A 147 -13.55 -10.37 -6.85
N SER A 148 -13.96 -9.12 -6.60
CA SER A 148 -14.16 -8.55 -5.25
C SER A 148 -15.24 -9.31 -4.48
N CYS A 149 -16.34 -9.71 -5.17
CA CYS A 149 -17.44 -10.48 -4.58
C CYS A 149 -16.96 -11.87 -4.22
N LEU A 150 -16.19 -12.53 -5.11
CA LEU A 150 -15.63 -13.86 -4.89
C LEU A 150 -14.70 -13.88 -3.68
N LEU A 151 -13.79 -12.88 -3.58
CA LEU A 151 -12.86 -12.75 -2.46
C LEU A 151 -13.58 -12.46 -1.15
N TRP A 152 -14.71 -11.72 -1.20
CA TRP A 152 -15.52 -11.45 -0.01
C TRP A 152 -16.20 -12.73 0.44
N GLY A 153 -16.61 -13.57 -0.52
CA GLY A 153 -17.22 -14.87 -0.30
C GLY A 153 -16.28 -15.83 0.41
N ILE A 154 -14.96 -15.73 0.11
CA ILE A 154 -13.91 -16.52 0.74
C ILE A 154 -13.71 -16.00 2.17
N THR A 155 -13.63 -14.65 2.34
CA THR A 155 -13.49 -13.98 3.64
C THR A 155 -14.65 -14.38 4.55
N ILE A 156 -15.88 -14.45 3.99
CA ILE A 156 -17.10 -14.89 4.67
C ILE A 156 -16.89 -16.34 5.13
N GLY A 157 -16.46 -17.21 4.22
CA GLY A 157 -16.21 -18.62 4.49
C GLY A 157 -15.20 -18.93 5.58
N LEU A 158 -14.12 -18.11 5.66
CA LEU A 158 -13.05 -18.27 6.65
C LEU A 158 -13.42 -17.70 8.02
N THR A 159 -14.45 -16.82 8.10
CA THR A 159 -14.83 -16.16 9.35
C THR A 159 -16.25 -16.49 9.85
N VAL A 160 -17.14 -17.03 9.00
CA VAL A 160 -18.56 -17.35 9.30
C VAL A 160 -18.70 -18.36 10.48
N HIS A 161 -17.65 -19.17 10.77
CA HIS A 161 -17.65 -20.15 11.87
C HIS A 161 -17.82 -19.49 13.26
N LEU A 162 -17.56 -18.16 13.35
CA LEU A 162 -17.67 -17.35 14.57
C LEU A 162 -19.13 -17.02 14.92
N LEU A 163 -20.05 -17.20 13.97
CA LEU A 163 -21.49 -16.98 14.15
C LEU A 163 -22.19 -18.30 14.54
N LYS A 164 -21.40 -19.33 14.90
CA LYS A 164 -21.89 -20.66 15.29
C LYS A 164 -21.85 -20.88 16.81
N LYS A 165 -20.65 -20.71 17.43
CA LYS A 165 -20.38 -20.91 18.87
C LYS A 165 -21.26 -20.03 19.76
N LYS A 166 -21.82 -20.61 20.85
CA LYS A 166 -22.70 -19.96 21.81
C LYS A 166 -21.93 -18.95 22.67
N MET A 167 -22.35 -17.68 22.60
CA MET A 167 -21.70 -16.56 23.31
C MET A 167 -22.70 -15.84 24.23
N PRO A 168 -22.29 -15.17 25.34
CA PRO A 168 -20.94 -15.02 25.90
C PRO A 168 -20.57 -16.15 26.88
N ILE A 169 -19.27 -16.29 27.20
CA ILE A 169 -18.79 -17.29 28.15
C ILE A 169 -19.00 -16.73 29.57
N GLN A 170 -19.89 -17.39 30.35
CA GLN A 170 -20.32 -17.07 31.71
C GLN A 170 -19.17 -16.72 32.69
N ASN A 171 -17.99 -17.34 32.52
CA ASN A 171 -16.82 -17.10 33.38
C ASN A 171 -16.19 -15.74 33.11
N ALA A 174 -19.72 -12.41 35.56
CA ALA A 174 -19.21 -11.54 34.50
C ALA A 174 -19.04 -12.30 33.19
N ASN A 175 -19.75 -11.87 32.13
CA ASN A 175 -19.74 -12.49 30.81
C ASN A 175 -18.56 -12.00 29.97
N LEU A 176 -17.96 -12.92 29.18
CA LEU A 176 -16.82 -12.66 28.31
C LEU A 176 -17.17 -12.84 26.84
N CYS A 177 -16.75 -11.89 25.98
CA CYS A 177 -16.97 -11.98 24.55
C CYS A 177 -15.62 -12.15 23.86
N SER A 178 -15.24 -13.40 23.63
CA SER A 178 -13.99 -13.79 23.00
C SER A 178 -14.10 -15.15 22.34
N SER A 179 -13.37 -15.34 21.24
CA SER A 179 -13.31 -16.62 20.51
C SER A 179 -12.43 -17.61 21.27
N PHE A 180 -11.54 -17.08 22.15
CA PHE A 180 -10.57 -17.77 23.00
C PHE A 180 -9.59 -18.60 22.15
N SER A 181 -9.04 -17.94 21.10
CA SER A 181 -8.05 -18.56 20.21
C SER A 181 -6.67 -18.60 20.89
N ILE A 182 -6.48 -17.71 21.89
CA ILE A 182 -5.27 -17.55 22.71
C ILE A 182 -4.85 -18.90 23.36
N CYS A 183 -5.81 -19.70 23.86
CA CYS A 183 -5.48 -20.96 24.52
C CYS A 183 -5.63 -22.19 23.60
N HIS A 184 -5.86 -21.99 22.30
CA HIS A 184 -5.91 -23.13 21.40
C HIS A 184 -4.49 -23.53 21.00
N THR A 185 -4.18 -24.83 21.13
CA THR A 185 -2.88 -25.41 20.79
C THR A 185 -2.69 -25.41 19.27
N PHE A 186 -1.44 -25.53 18.80
CA PHE A 186 -1.14 -25.50 17.36
C PHE A 186 -1.57 -26.79 16.67
N GLN A 187 -2.66 -26.71 15.90
CA GLN A 187 -3.23 -27.83 15.14
C GLN A 187 -3.45 -27.38 13.68
N TRP A 188 -4.24 -28.15 12.89
CA TRP A 188 -4.49 -27.90 11.46
C TRP A 188 -5.12 -26.53 11.17
N HIS A 189 -6.20 -26.14 11.90
CA HIS A 189 -6.88 -24.86 11.72
C HIS A 189 -5.95 -23.69 12.07
N GLU A 190 -5.09 -23.87 13.08
CA GLU A 190 -4.12 -22.89 13.56
C GLU A 190 -2.99 -22.75 12.53
N ALA A 191 -2.61 -23.86 11.86
CA ALA A 191 -1.62 -23.90 10.78
C ALA A 191 -2.19 -23.19 9.55
N MET A 192 -3.49 -23.42 9.29
CA MET A 192 -4.29 -22.81 8.23
C MET A 192 -4.35 -21.30 8.43
N PHE A 193 -4.50 -20.86 9.70
CA PHE A 193 -4.53 -19.45 10.11
C PHE A 193 -3.20 -18.76 9.77
N LEU A 194 -2.06 -19.44 10.04
CA LEU A 194 -0.72 -18.90 9.78
C LEU A 194 -0.42 -18.85 8.29
N LEU A 195 -0.88 -19.87 7.52
CA LEU A 195 -0.72 -19.94 6.06
C LEU A 195 -1.54 -18.83 5.39
N GLU A 196 -2.71 -18.48 5.97
CA GLU A 196 -3.60 -17.42 5.49
C GLU A 196 -3.01 -16.02 5.75
N PHE A 197 -1.82 -15.96 6.40
CA PHE A 197 -1.10 -14.72 6.66
C PHE A 197 0.24 -14.71 5.93
N PHE A 198 1.02 -15.81 6.05
CA PHE A 198 2.36 -15.90 5.45
C PHE A 198 2.34 -15.96 3.92
N LEU A 199 1.32 -16.60 3.31
CA LEU A 199 1.18 -16.64 1.85
C LEU A 199 0.89 -15.20 1.34
N PRO A 200 -0.15 -14.46 1.83
CA PRO A 200 -0.32 -13.06 1.39
C PRO A 200 0.89 -12.18 1.70
N LEU A 201 1.55 -12.38 2.87
CA LEU A 201 2.77 -11.65 3.28
C LEU A 201 3.90 -11.87 2.26
N GLY A 202 4.08 -13.14 1.85
CA GLY A 202 5.07 -13.54 0.87
C GLY A 202 4.82 -12.89 -0.47
N ILE A 203 3.54 -12.82 -0.89
CA ILE A 203 3.11 -12.21 -2.14
C ILE A 203 3.38 -10.68 -2.10
N ILE A 204 2.93 -9.99 -1.02
CA ILE A 204 3.10 -8.54 -0.85
C ILE A 204 4.59 -8.16 -0.80
N LEU A 205 5.42 -8.88 0.00
CA LEU A 205 6.85 -8.60 0.10
C LEU A 205 7.58 -8.81 -1.23
N PHE A 206 7.19 -9.85 -2.00
CA PHE A 206 7.79 -10.15 -3.31
C PHE A 206 7.41 -9.07 -4.33
N CYS A 207 6.11 -8.72 -4.40
CA CYS A 207 5.58 -7.70 -5.32
C CYS A 207 6.18 -6.34 -5.00
N SER A 208 6.26 -5.96 -3.71
CA SER A 208 6.85 -4.70 -3.26
C SER A 208 8.32 -4.62 -3.67
N ALA A 209 9.07 -5.73 -3.54
CA ALA A 209 10.48 -5.80 -3.95
C ALA A 209 10.60 -5.68 -5.47
N ARG A 210 9.72 -6.35 -6.23
CA ARG A 210 9.70 -6.36 -7.70
C ARG A 210 9.31 -5.02 -8.30
N ILE A 211 8.29 -4.33 -7.73
CA ILE A 211 7.78 -3.03 -8.19
C ILE A 211 8.81 -1.92 -7.92
N ILE A 212 9.30 -1.79 -6.65
CA ILE A 212 10.28 -0.77 -6.24
C ILE A 212 11.54 -0.89 -7.12
N TRP A 213 12.07 -2.13 -7.30
CA TRP A 213 13.27 -2.41 -8.11
C TRP A 213 13.07 -2.01 -9.58
N SER A 214 11.89 -2.32 -10.16
CA SER A 214 11.55 -2.01 -11.55
C SER A 214 11.33 -0.51 -11.76
N LEU A 215 10.67 0.17 -10.79
CA LEU A 215 10.40 1.61 -10.87
C LEU A 215 11.64 2.45 -10.60
N ARG A 216 12.52 2.02 -9.66
CA ARG A 216 13.76 2.73 -9.33
C ARG A 216 14.74 2.66 -10.50
N GLN A 217 14.67 1.58 -11.31
CA GLN A 217 15.50 1.38 -12.50
C GLN A 217 15.01 2.27 -13.64
N ARG A 218 13.67 2.35 -13.83
CA ARG A 218 13.02 3.19 -14.85
C ARG A 218 13.34 4.66 -14.60
N GLN A 219 13.39 5.06 -13.32
CA GLN A 219 13.73 6.41 -12.88
C GLN A 219 15.23 6.68 -13.13
N MET A 220 9.51 16.03 -15.08
CA MET A 220 9.27 16.23 -13.65
C MET A 220 7.97 15.50 -13.25
N ASP A 221 6.92 15.57 -14.10
CA ASP A 221 5.60 14.92 -13.92
C ASP A 221 5.76 13.39 -13.90
N ARG A 222 6.69 12.87 -14.72
CA ARG A 222 7.00 11.45 -14.82
C ARG A 222 7.73 10.98 -13.55
N HIS A 223 8.69 11.79 -13.05
CA HIS A 223 9.46 11.52 -11.82
C HIS A 223 8.56 11.44 -10.59
N ALA A 224 7.56 12.36 -10.51
CA ALA A 224 6.57 12.43 -9.42
C ALA A 224 5.64 11.21 -9.46
N LYS A 225 5.29 10.72 -10.67
CA LYS A 225 4.43 9.56 -10.88
C LYS A 225 5.16 8.29 -10.42
N ILE A 226 6.50 8.24 -10.62
CA ILE A 226 7.34 7.14 -10.18
C ILE A 226 7.45 7.18 -8.64
N LYS A 227 7.77 8.38 -8.08
CA LYS A 227 7.92 8.66 -6.65
C LYS A 227 6.69 8.21 -5.85
N ARG A 228 5.47 8.59 -6.28
CA ARG A 228 4.23 8.22 -5.60
C ARG A 228 3.93 6.72 -5.73
N ALA A 229 4.28 6.11 -6.88
CA ALA A 229 4.05 4.69 -7.13
C ALA A 229 4.90 3.82 -6.20
N ILE A 230 6.15 4.27 -5.90
CA ILE A 230 7.07 3.60 -4.98
C ILE A 230 6.55 3.80 -3.55
N THR A 231 6.17 5.05 -3.21
CA THR A 231 5.63 5.45 -1.90
C THR A 231 4.37 4.63 -1.57
N PHE A 232 3.46 4.46 -2.56
CA PHE A 232 2.21 3.71 -2.40
C PHE A 232 2.46 2.24 -2.03
N ILE A 233 3.26 1.51 -2.83
CA ILE A 233 3.51 0.09 -2.60
C ILE A 233 4.31 -0.10 -1.29
N MET A 234 5.16 0.89 -0.91
CA MET A 234 5.90 0.89 0.36
C MET A 234 4.91 0.95 1.52
N VAL A 235 3.96 1.91 1.45
CA VAL A 235 2.89 2.11 2.44
C VAL A 235 2.05 0.80 2.54
N VAL A 236 1.61 0.23 1.40
CA VAL A 236 0.83 -1.02 1.35
C VAL A 236 1.58 -2.13 2.12
N ALA A 237 2.90 -2.28 1.89
CA ALA A 237 3.75 -3.27 2.56
C ALA A 237 3.96 -2.95 4.05
N ILE A 238 4.27 -1.68 4.41
CA ILE A 238 4.52 -1.22 5.78
C ILE A 238 3.25 -1.37 6.63
N VAL A 239 2.09 -0.94 6.12
CA VAL A 239 0.79 -1.03 6.79
C VAL A 239 0.49 -2.50 7.10
N PHE A 240 0.65 -3.41 6.12
CA PHE A 240 0.40 -4.84 6.29
C PHE A 240 1.27 -5.45 7.40
N VAL A 241 2.60 -5.18 7.42
CA VAL A 241 3.49 -5.77 8.41
C VAL A 241 3.25 -5.21 9.84
N ILE A 242 3.25 -3.88 10.04
CA ILE A 242 3.11 -3.29 11.38
C ILE A 242 1.69 -3.51 11.95
N CYS A 243 0.69 -3.82 11.10
CA CYS A 243 -0.67 -4.08 11.56
C CYS A 243 -0.89 -5.54 11.92
N PHE A 244 -0.46 -6.50 11.08
CA PHE A 244 -0.80 -7.90 11.31
C PHE A 244 0.36 -8.83 11.77
N LEU A 245 1.64 -8.49 11.48
CA LEU A 245 2.76 -9.36 11.88
C LEU A 245 2.99 -9.42 13.42
N PRO A 246 3.01 -8.31 14.21
CA PRO A 246 3.26 -8.45 15.67
C PRO A 246 2.34 -9.46 16.36
N SER A 247 1.03 -9.45 16.00
CA SER A 247 0.01 -10.36 16.53
C SER A 247 0.34 -11.82 16.17
N VAL A 248 0.76 -12.07 14.91
CA VAL A 248 1.13 -13.40 14.41
C VAL A 248 2.36 -13.92 15.19
N VAL A 249 3.36 -13.05 15.41
CA VAL A 249 4.60 -13.37 16.14
C VAL A 249 4.24 -13.79 17.58
N VAL A 250 3.34 -13.06 18.29
CA VAL A 250 2.97 -13.42 19.67
C VAL A 250 2.08 -14.68 19.68
N ARG A 251 1.18 -14.86 18.67
CA ARG A 251 0.33 -16.06 18.55
C ARG A 251 1.19 -17.31 18.41
N ILE A 252 2.30 -17.23 17.63
CA ILE A 252 3.27 -18.30 17.40
C ILE A 252 3.97 -18.63 18.74
N ARG A 253 4.33 -17.60 19.53
CA ARG A 253 5.00 -17.73 20.82
C ARG A 253 4.09 -18.46 21.83
N ILE A 254 2.77 -18.18 21.84
CA ILE A 254 1.80 -18.83 22.72
C ILE A 254 1.64 -20.31 22.29
N PHE A 255 1.67 -20.60 20.97
CA PHE A 255 1.58 -21.98 20.43
C PHE A 255 2.75 -22.81 20.92
N TRP A 256 3.95 -22.19 20.98
CA TRP A 256 5.19 -22.81 21.43
C TRP A 256 5.15 -23.07 22.93
N LEU A 257 4.74 -22.06 23.73
CA LEU A 257 4.64 -22.18 25.20
C LEU A 257 3.61 -23.23 25.62
N LEU A 258 2.50 -23.36 24.85
CA LEU A 258 1.46 -24.34 25.10
C LEU A 258 1.98 -25.76 24.90
N HIS A 259 2.83 -25.93 23.87
CA HIS A 259 3.45 -27.19 23.50
C HIS A 259 4.55 -27.61 24.49
N THR A 260 5.35 -26.65 24.98
CA THR A 260 6.48 -26.90 25.89
C THR A 260 6.09 -26.90 27.38
N SER A 261 5.51 -25.79 27.88
CA SER A 261 5.16 -25.62 29.29
C SER A 261 3.79 -26.17 29.68
N GLY A 262 2.83 -26.12 28.75
CA GLY A 262 1.47 -26.58 29.03
C GLY A 262 0.67 -25.64 29.90
N THR A 263 -0.54 -26.05 30.31
CA THR A 263 -1.42 -25.22 31.12
C THR A 263 -1.47 -25.67 32.61
N GLN A 264 -0.34 -26.23 33.14
CA GLN A 264 -0.25 -26.63 34.54
C GLN A 264 -0.02 -25.38 35.40
N ASN A 265 0.96 -24.55 35.00
CA ASN A 265 1.31 -23.27 35.63
C ASN A 265 0.94 -22.15 34.64
N CYS A 266 -0.04 -21.32 35.03
CA CYS A 266 -0.55 -20.22 34.20
C CYS A 266 0.42 -19.03 34.13
N GLU A 267 1.21 -18.81 35.20
CA GLU A 267 2.16 -17.71 35.35
C GLU A 267 3.12 -17.53 34.15
N VAL A 268 3.42 -18.61 33.41
CA VAL A 268 4.31 -18.57 32.24
C VAL A 268 3.62 -17.90 31.01
N TYR A 269 2.35 -17.42 31.17
CA TYR A 269 1.58 -16.77 30.11
C TYR A 269 1.20 -15.32 30.44
N ARG A 270 1.62 -14.79 31.61
CA ARG A 270 1.28 -13.42 32.04
C ARG A 270 1.84 -12.34 31.08
N SER A 271 3.16 -12.35 30.82
CA SER A 271 3.87 -11.38 29.97
C SER A 271 3.43 -11.46 28.51
N VAL A 272 3.20 -12.67 27.99
CA VAL A 272 2.80 -12.91 26.60
C VAL A 272 1.37 -12.45 26.37
N ASP A 273 0.51 -12.51 27.41
CA ASP A 273 -0.87 -12.06 27.33
C ASP A 273 -0.92 -10.54 27.19
N LEU A 274 -0.04 -9.82 27.92
CA LEU A 274 0.04 -8.36 27.84
C LEU A 274 0.51 -7.95 26.43
N ALA A 275 1.45 -8.72 25.87
CA ALA A 275 1.95 -8.51 24.50
C ALA A 275 0.86 -8.80 23.48
N PHE A 276 0.02 -9.83 23.73
CA PHE A 276 -1.08 -10.23 22.86
C PHE A 276 -2.10 -9.09 22.67
N PHE A 277 -2.57 -8.49 23.77
CA PHE A 277 -3.56 -7.41 23.71
C PHE A 277 -2.94 -6.09 23.22
N ILE A 278 -1.61 -5.92 23.36
CA ILE A 278 -0.90 -4.75 22.83
C ILE A 278 -0.85 -4.90 21.31
N THR A 279 -0.40 -6.08 20.80
CA THR A 279 -0.32 -6.38 19.36
C THR A 279 -1.71 -6.49 18.72
N LEU A 280 -2.75 -6.75 19.54
CA LEU A 280 -4.14 -6.84 19.10
C LEU A 280 -4.64 -5.46 18.69
N SER A 281 -4.18 -4.39 19.39
CA SER A 281 -4.54 -3.01 19.07
C SER A 281 -3.83 -2.55 17.79
N PHE A 282 -2.67 -3.17 17.47
CA PHE A 282 -1.90 -2.92 16.24
C PHE A 282 -2.70 -3.39 15.02
N THR A 283 -3.49 -4.49 15.16
CA THR A 283 -4.32 -5.02 14.07
C THR A 283 -5.48 -4.06 13.81
N TYR A 284 -6.01 -3.46 14.88
CA TYR A 284 -7.14 -2.54 14.82
C TYR A 284 -6.76 -1.16 14.26
N MET A 285 -5.45 -0.80 14.24
CA MET A 285 -5.05 0.51 13.72
C MET A 285 -4.96 0.49 12.17
N ASN A 286 -5.48 -0.57 11.53
CA ASN A 286 -5.52 -0.70 10.07
C ASN A 286 -6.54 0.31 9.49
N VAL A 287 -7.64 0.60 10.24
CA VAL A 287 -8.69 1.57 9.88
C VAL A 287 -8.12 3.00 9.89
N MET A 288 -7.07 3.21 10.68
CA MET A 288 -6.37 4.47 10.87
C MET A 288 -5.26 4.66 9.83
N LEU A 289 -4.66 3.54 9.35
CA LEU A 289 -3.55 3.56 8.41
C LEU A 289 -3.96 3.32 6.94
N ASP A 290 -5.15 2.73 6.68
CA ASP A 290 -5.64 2.54 5.29
C ASP A 290 -5.91 3.92 4.62
N PRO A 291 -6.33 5.02 5.31
CA PRO A 291 -6.46 6.31 4.64
C PRO A 291 -5.16 6.78 3.96
N VAL A 292 -3.98 6.40 4.52
CA VAL A 292 -2.65 6.71 3.98
C VAL A 292 -2.46 5.95 2.65
N VAL A 293 -2.96 4.69 2.58
CA VAL A 293 -2.91 3.82 1.38
C VAL A 293 -3.69 4.50 0.25
N TYR A 294 -4.91 5.00 0.54
CA TYR A 294 -5.78 5.67 -0.45
C TYR A 294 -5.16 6.99 -0.93
N TYR A 295 -4.50 7.75 -0.03
CA TYR A 295 -3.89 9.04 -0.35
C TYR A 295 -2.82 8.94 -1.45
N PHE A 296 -1.97 7.90 -1.39
CA PHE A 296 -0.89 7.71 -2.36
C PHE A 296 -1.28 6.76 -3.51
N SER A 297 -2.56 6.31 -3.56
CA SER A 297 -3.05 5.41 -4.60
C SER A 297 -3.14 6.10 -5.95
N SER A 298 -3.70 7.32 -5.97
CA SER A 298 -3.87 8.12 -7.18
C SER A 298 -3.56 9.59 -6.89
N PRO A 299 -3.22 10.42 -7.92
CA PRO A 299 -2.98 11.85 -7.66
C PRO A 299 -4.28 12.61 -7.40
N SER A 300 -5.44 11.92 -7.53
CA SER A 300 -6.79 12.45 -7.33
C SER A 300 -7.08 12.77 -5.85
N PHE A 301 -6.48 12.03 -4.91
CA PHE A 301 -6.67 12.26 -3.48
C PHE A 301 -5.98 13.56 -3.01
N PRO A 302 -4.67 13.83 -3.28
CA PRO A 302 -4.10 15.13 -2.87
C PRO A 302 -4.74 16.30 -3.62
N ASN A 303 -5.26 16.04 -4.86
CA ASN A 303 -5.92 17.04 -5.70
C ASN A 303 -7.27 17.44 -5.12
N PHE A 304 -7.94 16.54 -4.37
CA PHE A 304 -9.23 16.82 -3.72
C PHE A 304 -9.02 17.84 -2.60
N PHE A 305 -8.02 17.61 -1.73
CA PHE A 305 -7.71 18.50 -0.60
C PHE A 305 -7.07 19.80 -1.09
N SER A 306 -6.47 19.82 -2.30
CA SER A 306 -5.88 21.03 -2.88
C SER A 306 -7.02 21.94 -3.38
N THR A 307 -8.05 21.35 -4.01
CA THR A 307 -9.26 22.00 -4.52
C THR A 307 -10.09 22.56 -3.34
N LEU A 308 -9.99 21.88 -2.17
CA LEU A 308 -10.67 22.24 -0.93
C LEU A 308 -10.13 23.58 -0.38
N ILE A 309 -8.82 23.83 -0.51
CA ILE A 309 -8.21 25.09 -0.04
C ILE A 309 -8.30 26.14 -1.18
N ASN A 310 -8.47 25.69 -2.44
CA ASN A 310 -8.67 26.57 -3.60
C ASN A 310 -10.01 27.32 -3.44
N ARG A 311 -10.95 26.63 -2.77
CA ARG A 311 -12.28 27.08 -2.36
C ARG A 311 -12.14 28.08 -1.21
N CYS A 312 -11.14 27.85 -0.32
CA CYS A 312 -10.83 28.68 0.84
C CYS A 312 -9.90 29.83 0.43
N ALA A 326 16.08 5.66 -12.87
CA ALA A 326 17.53 5.73 -13.06
C ALA A 326 17.87 5.83 -14.54
N ASP A 327 17.10 5.18 -15.43
CA ASP A 327 17.29 5.22 -16.88
C ASP A 327 16.94 6.59 -17.45
N LEU A 328 15.91 7.26 -16.90
CA LEU A 328 15.47 8.61 -17.29
C LEU A 328 16.52 9.65 -16.88
N GLU A 329 17.01 9.53 -15.63
CA GLU A 329 18.02 10.41 -15.02
C GLU A 329 19.38 10.27 -15.71
N ASP A 330 19.75 9.04 -16.14
CA ASP A 330 21.02 8.79 -16.83
C ASP A 330 21.02 9.38 -18.24
N ASN A 331 19.87 9.29 -18.95
CA ASN A 331 19.70 9.85 -20.30
C ASN A 331 19.80 11.37 -20.26
N TRP A 332 19.19 11.97 -19.22
CA TRP A 332 19.19 13.41 -18.94
C TRP A 332 20.61 13.86 -18.54
N GLU A 333 21.33 13.01 -17.78
CA GLU A 333 22.70 13.27 -17.31
C GLU A 333 23.66 13.39 -18.48
N THR A 334 23.64 12.39 -19.40
CA THR A 334 24.48 12.33 -20.60
C THR A 334 24.16 13.49 -21.56
N LEU A 335 22.88 13.94 -21.57
CA LEU A 335 22.39 15.04 -22.39
C LEU A 335 23.00 16.37 -21.93
N ASN A 336 23.00 16.63 -20.61
CA ASN A 336 23.54 17.86 -20.00
C ASN A 336 25.07 17.82 -19.88
N ASP A 337 25.66 16.63 -19.63
CA ASP A 337 27.11 16.45 -19.47
C ASP A 337 27.85 16.70 -20.80
N ASN A 338 27.35 16.12 -21.92
CA ASN A 338 27.94 16.28 -23.25
C ASN A 338 27.70 17.69 -23.79
N LEU A 339 26.66 18.37 -23.27
CA LEU A 339 26.32 19.76 -23.63
C LEU A 339 27.38 20.72 -23.08
N LYS A 340 27.94 20.40 -21.89
CA LYS A 340 29.00 21.16 -21.24
C LYS A 340 30.35 20.88 -21.94
N VAL A 341 30.46 19.70 -22.59
CA VAL A 341 31.65 19.25 -23.33
C VAL A 341 31.76 20.10 -24.61
N ILE A 342 30.63 20.32 -25.32
CA ILE A 342 30.56 21.13 -26.56
C ILE A 342 30.97 22.59 -26.24
N GLU A 343 30.50 23.11 -25.08
CA GLU A 343 30.80 24.47 -24.61
C GLU A 343 32.29 24.66 -24.28
N LYS A 344 32.99 23.56 -23.91
CA LYS A 344 34.42 23.56 -23.59
C LYS A 344 35.23 22.79 -24.67
N ALA A 345 34.75 22.83 -25.93
CA ALA A 345 35.39 22.14 -27.06
C ALA A 345 36.13 23.10 -27.99
N ASP A 346 37.18 22.58 -28.67
CA ASP A 346 38.01 23.32 -29.62
C ASP A 346 37.97 22.68 -31.02
N ASN A 347 37.96 21.33 -31.08
CA ASN A 347 37.94 20.54 -32.33
C ASN A 347 36.50 20.27 -32.78
N ALA A 348 36.27 20.22 -34.11
CA ALA A 348 34.96 19.94 -34.71
C ALA A 348 34.58 18.46 -34.56
N ALA A 349 35.58 17.56 -34.42
CA ALA A 349 35.37 16.12 -34.23
C ALA A 349 34.93 15.82 -32.79
N GLN A 350 35.39 16.64 -31.82
CA GLN A 350 35.07 16.57 -30.40
C GLN A 350 33.58 16.91 -30.18
N VAL A 351 33.07 17.88 -30.98
CA VAL A 351 31.68 18.34 -30.97
C VAL A 351 30.78 17.22 -31.52
N LYS A 352 31.21 16.56 -32.62
CA LYS A 352 30.51 15.46 -33.30
C LYS A 352 30.40 14.23 -32.37
N ASP A 353 31.42 13.98 -31.53
CA ASP A 353 31.45 12.85 -30.59
C ASP A 353 30.42 13.06 -29.46
N ALA A 354 30.35 14.30 -28.92
CA ALA A 354 29.43 14.68 -27.85
C ALA A 354 27.98 14.71 -28.34
N LEU A 355 27.76 15.15 -29.60
CA LEU A 355 26.43 15.21 -30.22
C LEU A 355 25.87 13.82 -30.51
N THR A 356 26.75 12.85 -30.82
CA THR A 356 26.39 11.45 -31.10
C THR A 356 25.81 10.82 -29.82
N LYS A 357 26.47 11.08 -28.67
CA LYS A 357 26.06 10.62 -27.34
C LYS A 357 24.73 11.24 -26.94
N MET A 358 24.51 12.51 -27.33
CA MET A 358 23.28 13.28 -27.07
C MET A 358 22.12 12.74 -27.91
N ARG A 359 22.36 12.49 -29.22
CA ARG A 359 21.36 11.99 -30.18
C ARG A 359 20.91 10.57 -29.84
N ALA A 360 21.83 9.70 -29.39
CA ALA A 360 21.52 8.32 -29.01
C ALA A 360 20.68 8.29 -27.74
N ALA A 361 21.01 9.17 -26.76
CA ALA A 361 20.28 9.31 -25.49
C ALA A 361 18.89 9.88 -25.71
N ALA A 362 18.74 10.79 -26.71
CA ALA A 362 17.46 11.42 -27.09
C ALA A 362 16.49 10.40 -27.69
N LEU A 363 17.02 9.38 -28.38
CA LEU A 363 16.23 8.31 -29.00
C LEU A 363 15.77 7.31 -27.95
N ASP A 364 16.61 7.03 -26.94
CA ASP A 364 16.30 6.11 -25.82
C ASP A 364 15.21 6.71 -24.94
N ALA A 365 15.26 8.05 -24.73
CA ALA A 365 14.31 8.81 -23.93
C ALA A 365 12.92 8.82 -24.58
N GLN A 366 12.85 8.77 -25.92
CA GLN A 366 11.59 8.74 -26.69
C GLN A 366 10.83 7.44 -26.45
N LYS A 367 11.55 6.31 -26.41
CA LYS A 367 10.99 4.99 -26.14
C LYS A 367 10.65 4.85 -24.65
N ALA A 368 11.20 5.75 -23.80
CA ALA A 368 10.97 5.77 -22.36
C ALA A 368 9.72 6.59 -21.98
N THR A 369 8.60 6.30 -22.66
CA THR A 369 7.27 6.88 -22.43
C THR A 369 6.47 5.72 -21.82
N PRO A 370 6.48 5.58 -20.48
CA PRO A 370 5.85 4.39 -19.87
C PRO A 370 4.34 4.49 -19.71
N PRO A 371 3.58 3.43 -20.09
CA PRO A 371 2.12 3.46 -19.87
C PRO A 371 1.77 3.09 -18.42
N LYS A 372 2.73 2.47 -17.69
CA LYS A 372 2.64 2.03 -16.31
C LYS A 372 2.80 3.21 -15.32
N LEU A 373 2.41 3.01 -14.05
CA LEU A 373 2.53 4.01 -13.00
C LEU A 373 2.58 3.34 -11.62
N GLU A 382 1.44 18.67 -22.32
CA GLU A 382 1.19 17.35 -21.76
C GLU A 382 2.07 16.30 -22.47
N MET A 383 1.48 15.20 -22.97
CA MET A 383 2.18 14.13 -23.68
C MET A 383 2.55 14.58 -25.11
N LYS A 384 1.64 15.36 -25.77
CA LYS A 384 1.84 15.90 -27.12
C LYS A 384 2.98 16.91 -27.14
N ASP A 385 3.09 17.74 -26.07
CA ASP A 385 4.16 18.74 -25.90
C ASP A 385 5.52 18.06 -25.66
N PHE A 386 5.51 16.79 -25.20
CA PHE A 386 6.69 15.98 -24.93
C PHE A 386 7.09 15.20 -26.19
N ARG A 387 6.09 14.71 -26.96
CA ARG A 387 6.28 13.95 -28.21
C ARG A 387 6.89 14.86 -29.29
N HIS A 388 6.35 16.09 -29.44
CA HIS A 388 6.85 17.08 -30.41
C HIS A 388 8.15 17.69 -29.92
N GLY A 389 8.34 17.73 -28.60
CA GLY A 389 9.53 18.28 -27.95
C GLY A 389 10.81 17.54 -28.26
N PHE A 390 10.76 16.19 -28.27
CA PHE A 390 11.92 15.36 -28.61
C PHE A 390 12.16 15.38 -30.12
N ASP A 391 11.09 15.59 -30.92
CA ASP A 391 11.15 15.72 -32.37
C ASP A 391 11.96 16.97 -32.71
N ILE A 392 11.75 18.06 -31.95
CA ILE A 392 12.50 19.32 -32.10
C ILE A 392 13.93 19.10 -31.61
N LEU A 393 14.10 18.34 -30.49
CA LEU A 393 15.41 18.04 -29.90
C LEU A 393 16.30 17.26 -30.89
N VAL A 394 15.83 16.09 -31.38
CA VAL A 394 16.53 15.23 -32.34
C VAL A 394 16.81 16.03 -33.63
N GLY A 395 15.81 16.77 -34.10
CA GLY A 395 15.89 17.63 -35.27
C GLY A 395 16.99 18.67 -35.15
N GLN A 396 17.09 19.33 -33.97
CA GLN A 396 18.11 20.35 -33.69
C GLN A 396 19.50 19.71 -33.59
N ILE A 397 19.61 18.48 -33.05
CA ILE A 397 20.87 17.73 -32.94
C ILE A 397 21.33 17.43 -34.37
N ASP A 398 20.40 16.98 -35.24
CA ASP A 398 20.64 16.68 -36.66
C ASP A 398 21.18 17.93 -37.38
N ASP A 399 20.64 19.12 -37.06
CA ASP A 399 21.08 20.40 -37.62
C ASP A 399 22.51 20.73 -37.15
N ALA A 400 22.81 20.45 -35.87
CA ALA A 400 24.11 20.68 -35.25
C ALA A 400 25.16 19.70 -35.78
N LEU A 401 24.74 18.45 -36.10
CA LEU A 401 25.59 17.38 -36.63
C LEU A 401 26.15 17.74 -38.00
N LYS A 402 25.31 18.36 -38.86
CA LYS A 402 25.70 18.82 -40.20
C LYS A 402 26.69 19.97 -40.11
N LEU A 403 26.52 20.85 -39.10
CA LEU A 403 27.43 21.98 -38.84
C LEU A 403 28.76 21.51 -38.26
N ALA A 404 28.74 20.40 -37.46
CA ALA A 404 29.91 19.81 -36.80
C ALA A 404 30.87 19.12 -37.79
N ASN A 405 30.33 18.34 -38.76
CA ASN A 405 31.15 17.65 -39.76
C ASN A 405 31.55 18.58 -40.92
N GLU A 406 31.02 19.82 -40.95
CA GLU A 406 31.35 20.83 -41.95
C GLU A 406 32.48 21.76 -41.43
N GLY A 407 33.10 21.38 -40.32
CA GLY A 407 34.21 22.09 -39.69
C GLY A 407 33.88 23.33 -38.89
N LYS A 408 32.74 23.98 -39.18
CA LYS A 408 32.30 25.20 -38.51
C LYS A 408 31.90 24.89 -37.06
N VAL A 409 32.90 24.96 -36.16
CA VAL A 409 32.79 24.69 -34.72
C VAL A 409 31.80 25.69 -34.10
N LYS A 410 31.94 26.99 -34.41
CA LYS A 410 31.07 28.07 -33.93
C LYS A 410 29.61 27.87 -34.33
N GLU A 411 29.36 27.34 -35.54
CA GLU A 411 28.02 27.09 -36.07
C GLU A 411 27.31 25.93 -35.33
N ALA A 412 28.09 25.03 -34.70
CA ALA A 412 27.56 23.89 -33.95
C ALA A 412 27.52 24.17 -32.44
N GLN A 413 28.59 24.81 -31.90
CA GLN A 413 28.76 25.17 -30.49
C GLN A 413 27.65 26.11 -30.00
N ALA A 414 27.25 27.10 -30.84
CA ALA A 414 26.18 28.04 -30.54
C ALA A 414 24.81 27.39 -30.70
N ALA A 415 24.65 26.54 -31.75
CA ALA A 415 23.40 25.80 -32.03
C ALA A 415 23.15 24.70 -30.98
N ALA A 416 24.19 24.34 -30.20
CA ALA A 416 24.11 23.36 -29.12
C ALA A 416 23.38 23.97 -27.92
N GLU A 417 23.60 25.27 -27.66
CA GLU A 417 22.96 26.01 -26.57
C GLU A 417 21.49 26.32 -26.90
N GLN A 418 21.07 26.13 -28.16
CA GLN A 418 19.70 26.31 -28.64
C GLN A 418 18.82 25.17 -28.11
N LEU A 419 19.43 24.00 -27.83
CA LEU A 419 18.77 22.80 -27.29
C LEU A 419 18.33 23.00 -25.84
N LYS A 420 18.97 23.96 -25.12
CA LYS A 420 18.68 24.32 -23.73
C LYS A 420 17.29 24.95 -23.59
N THR A 421 16.93 25.86 -24.52
CA THR A 421 15.65 26.58 -24.52
C THR A 421 14.47 25.66 -24.84
N THR A 422 14.69 24.60 -25.64
CA THR A 422 13.66 23.64 -26.04
C THR A 422 13.40 22.60 -24.95
N ARG A 423 14.46 22.14 -24.23
CA ARG A 423 14.30 21.15 -23.16
C ARG A 423 13.60 21.77 -21.94
N ASN A 424 13.82 23.07 -21.68
CA ASN A 424 13.21 23.79 -20.57
C ASN A 424 11.75 24.15 -20.85
N ALA A 425 11.35 24.17 -22.14
CA ALA A 425 9.99 24.53 -22.57
C ALA A 425 9.12 23.32 -22.95
N TYR A 426 9.74 22.18 -23.35
CA TYR A 426 8.96 21.00 -23.80
C TYR A 426 9.21 19.72 -23.01
N ILE A 427 10.48 19.42 -22.64
CA ILE A 427 10.87 18.14 -22.02
C ILE A 427 10.79 18.17 -20.47
N GLN A 428 11.55 19.09 -19.81
CA GLN A 428 11.68 19.23 -18.35
C GLN A 428 10.35 19.21 -17.57
N LYS A 429 9.27 19.80 -18.12
CA LYS A 429 7.94 19.82 -17.48
C LYS A 429 7.34 18.41 -17.39
N TYR A 430 7.40 17.63 -18.50
CA TYR A 430 6.89 16.26 -18.58
C TYR A 430 7.82 15.30 -17.83
N LEU A 431 9.13 15.63 -17.82
CA LEU A 431 10.18 14.86 -17.15
C LEU A 431 10.03 14.91 -15.61
C1 OLA B . 2.97 -29.33 17.67
O1 OLA B . 2.02 -29.45 16.86
O2 OLA B . 3.75 -30.31 17.82
C2 OLA B . 3.15 -28.07 18.46
C3 OLA B . 4.40 -27.31 18.01
C4 OLA B . 4.14 -25.81 17.97
C5 OLA B . 4.57 -25.23 16.63
C6 OLA B . 4.05 -23.81 16.42
C7 OLA B . 4.95 -23.03 15.47
C8 OLA B . 4.30 -22.88 14.08
C9 OLA B . 5.36 -22.48 13.07
C10 OLA B . 5.19 -22.51 11.74
C11 OLA B . 3.91 -22.94 11.04
C12 OLA B . 4.14 -22.97 9.53
C13 OLA B . 2.91 -23.54 8.81
C14 OLA B . 3.16 -24.97 8.31
C15 OLA B . 1.87 -25.66 7.93
C16 OLA B . 2.14 -27.05 7.36
C11 OLA C . -5.18 -12.94 -5.25
C12 OLA C . -4.79 -13.08 -3.79
C13 OLA C . -5.77 -13.98 -3.04
C14 OLA C . -5.11 -14.64 -1.83
C15 OLA C . -6.08 -15.57 -1.12
C16 OLA C . -5.40 -16.33 0.00
C17 OLA C . -6.39 -16.79 1.06
C11 OLA D . -18.69 -5.47 -3.44
C12 OLA D . -18.84 -5.10 -1.97
C13 OLA D . -19.48 -6.24 -1.18
C14 OLA D . -19.35 -6.03 0.32
C15 OLA D . -20.09 -7.12 1.10
C16 OLA D . -19.30 -7.58 2.32
C17 OLA D . -19.94 -7.13 3.62
C1 OLA E . -1.58 12.08 4.14
C2 OLA E . -2.00 11.02 5.12
C3 OLA E . -3.42 11.31 5.60
C4 OLA E . -4.45 10.48 4.83
C5 OLA E . -5.55 11.36 4.26
C6 OLA E . -6.89 10.63 4.14
C7 OLA E . -7.38 10.57 2.70
C8 OLA E . -8.69 9.78 2.60
C1 OLA F . 10.43 -4.73 0.51
O1 OLA F . 11.04 -3.99 -0.29
O2 OLA F . 9.21 -4.50 0.72
C2 OLA F . 11.13 -5.86 1.24
C3 OLA F . 11.68 -6.90 0.27
C4 OLA F . 11.11 -8.29 0.59
C5 OLA F . 12.11 -9.41 0.33
C6 OLA F . 11.84 -10.18 -0.98
C7 OLA F . 10.61 -11.09 -0.89
C8 OLA F . 10.95 -12.56 -1.12
C9 OLA F . 9.80 -13.41 -0.62
C10 OLA F . 9.75 -14.01 0.58
C11 OLA F . 10.85 -13.95 1.61
C12 OLA F . 10.58 -12.86 2.65
C13 OLA F . 11.53 -12.97 3.83
C14 OLA F . 12.55 -11.83 3.84
C18 OLC G . 3.28 -25.30 3.01
C10 OLC G . 4.28 -22.19 -6.05
C9 OLC G . 4.48 -21.27 -6.99
C17 OLC G . 2.52 -25.13 1.71
C11 OLC G . 3.27 -22.07 -4.92
C8 OLC G . 3.72 -19.95 -7.07
C24 OLC G . 1.81 -14.26 -15.99
C16 OLC G . 2.76 -23.74 1.12
C12 OLC G . 3.73 -22.87 -3.71
C7 OLC G . 3.91 -19.33 -8.46
C15 OLC G . 2.17 -23.61 -0.27
C13 OLC G . 2.61 -22.98 -2.66
C6 OLC G . 3.90 -17.82 -8.38
C14 OLC G . 3.19 -23.04 -1.26
C5 OLC G . 4.34 -17.19 -9.70
C4 OLC G . 5.40 -16.12 -9.49
C3 OLC G . 5.09 -14.86 -10.29
C2 OLC G . 5.93 -14.77 -11.56
C21 OLC G . 3.33 -13.56 -14.13
C1 OLC G . 5.24 -13.88 -12.58
C22 OLC G . 3.25 -14.28 -15.47
O19 OLC G . 5.71 -12.79 -12.84
O25 OLC G . 1.50 -15.53 -16.59
O23 OLC G . 4.11 -13.65 -16.43
O20 OLC G . 4.11 -14.35 -13.21
C1 PEG H . 18.04 -0.49 -8.66
O1 PEG H . 18.09 -1.30 -7.47
C2 PEG H . 18.27 0.97 -8.26
O2 PEG H . 18.91 1.68 -9.32
C3 PEG H . 20.03 2.43 -8.86
C4 PEG H . 19.77 3.93 -9.01
O4 PEG H . 21.02 4.62 -9.19
UNK UNX I . -10.23 -11.56 19.73
UNK UNX J . -12.20 -9.71 20.86
UNK UNX K . -11.76 -9.16 24.39
UNK UNX L . -11.37 -11.46 26.21
UNK UNX M . -9.50 -13.54 26.13
#